data_4GR1
#
_entry.id   4GR1
#
_cell.length_a   119.800
_cell.length_b   84.500
_cell.length_c   63.200
_cell.angle_alpha   90.00
_cell.angle_beta   90.00
_cell.angle_gamma   58.70
#
_symmetry.space_group_name_H-M   'B 1 1 2'
#
loop_
_entity.id
_entity.type
_entity.pdbx_description
1 polymer 'GLUTATHIONE REDUCTASE'
2 non-polymer 'PHOSPHATE ION'
3 non-polymer 'FLAVIN-ADENINE DINUCLEOTIDE'
4 non-polymer '4N-MALONYL-CYSTEINYL-2,4-DIAMINOBUTYRATE DISULFIDE'
5 water water
#
_entity_poly.entity_id   1
_entity_poly.type   'polypeptide(L)'
_entity_poly.pdbx_seq_one_letter_code
;ACRQEPQPQGPPPAAGAVASYDYLVIGGGSGGLASARRAAELGARAAVVESHKLGGTCVNVGCVPKKVMWNTAVHSEFMH
DHADYGFPSCEGKFNWRVIKEKRDAYVSRLNAIYQNNLTKSHIEIIRGHAAFTSDPKPTIEVSGKKYTAPHILIATGGMP
STPHESQIPGASLGITSDGFFQLEELPGRSVIVGAGYIAVEMAGILSALGSKTSLMIRHDKVLRSFDSMISTNCTEELEN
AGVEVLKFSQVKEVKKTLSGLEVSMVTAVPGRLPVMTMIPDVDCLLWAIGRVPNTKDLSLNKLGIQTDDKGHIIVDEFQN
TNVKGIYAVGDVCGKALLTPVAIAAGRKLAHRLFEYKEDSKLDYNNIPTVVFSHPPIGTVGLTEDEAIHKYGIENVKTYS
TSFTPMYHAVTKRKTKCVMKMVCANKEEKVVGIHMQGLGCDEMLQGFAVAVKMGATKADFDNTVAIHPTSSEELVTLR
;
_entity_poly.pdbx_strand_id   A
#
loop_
_chem_comp.id
_chem_comp.type
_chem_comp.name
_chem_comp.formula
FAD non-polymer 'FLAVIN-ADENINE DINUCLEOTIDE' 'C27 H33 N9 O15 P2'
PO4 non-polymer 'PHOSPHATE ION' 'O4 P -3'
RGS non-polymer '4N-MALONYL-CYSTEINYL-2,4-DIAMINOBUTYRATE DISULFIDE' 'C20 H32 N6 O12 S2'
#
# COMPACT_ATOMS: atom_id res chain seq x y z
N VAL A 18 -27.57 -25.81 10.11
CA VAL A 18 -26.23 -25.60 9.54
C VAL A 18 -26.30 -25.53 8.02
N ALA A 19 -26.22 -24.32 7.49
CA ALA A 19 -26.27 -24.22 6.06
C ALA A 19 -24.93 -24.57 5.47
N SER A 20 -24.96 -25.32 4.44
CA SER A 20 -23.75 -25.74 3.87
C SER A 20 -23.50 -25.09 2.50
N TYR A 21 -22.21 -24.77 2.19
CA TYR A 21 -21.83 -24.15 0.90
C TYR A 21 -20.62 -24.89 0.36
N ASP A 22 -20.14 -24.58 -0.85
CA ASP A 22 -18.93 -25.13 -1.43
C ASP A 22 -17.75 -24.27 -0.97
N TYR A 23 -18.02 -23.03 -0.73
CA TYR A 23 -16.99 -22.13 -0.35
C TYR A 23 -17.58 -20.98 0.41
N LEU A 24 -17.05 -20.81 1.60
CA LEU A 24 -17.32 -19.75 2.50
C LEU A 24 -16.06 -18.89 2.55
N VAL A 25 -16.25 -17.60 2.30
CA VAL A 25 -15.22 -16.58 2.28
C VAL A 25 -15.49 -15.61 3.44
N ILE A 26 -14.57 -15.52 4.40
CA ILE A 26 -14.64 -14.59 5.55
C ILE A 26 -13.86 -13.34 5.16
N GLY A 27 -14.58 -12.26 4.83
CA GLY A 27 -13.98 -11.01 4.42
C GLY A 27 -14.46 -10.65 3.04
N GLY A 28 -15.02 -9.44 2.90
CA GLY A 28 -15.49 -9.01 1.62
C GLY A 28 -14.62 -7.94 1.06
N GLY A 29 -13.31 -8.13 1.17
CA GLY A 29 -12.39 -7.16 0.60
C GLY A 29 -11.76 -7.65 -0.70
N SER A 30 -10.62 -7.11 -1.08
CA SER A 30 -9.99 -7.39 -2.31
C SER A 30 -9.84 -8.85 -2.53
N GLY A 31 -9.26 -9.57 -1.60
CA GLY A 31 -8.96 -10.98 -1.81
C GLY A 31 -10.16 -11.91 -1.76
N GLY A 32 -11.05 -11.69 -0.80
CA GLY A 32 -12.24 -12.46 -0.57
C GLY A 32 -13.24 -12.34 -1.73
N LEU A 33 -13.54 -11.13 -2.14
CA LEU A 33 -14.32 -10.89 -3.29
C LEU A 33 -13.72 -11.57 -4.54
N ALA A 34 -12.46 -11.35 -4.88
CA ALA A 34 -11.89 -11.93 -6.11
C ALA A 34 -11.97 -13.45 -6.12
N SER A 35 -11.72 -14.08 -4.96
CA SER A 35 -11.72 -15.51 -4.77
C SER A 35 -13.14 -16.05 -4.97
N ALA A 36 -14.14 -15.44 -4.28
CA ALA A 36 -15.55 -15.84 -4.29
C ALA A 36 -16.09 -15.75 -5.70
N ARG A 37 -15.80 -14.62 -6.36
CA ARG A 37 -16.24 -14.46 -7.72
C ARG A 37 -15.71 -15.53 -8.70
N ARG A 38 -14.45 -15.86 -8.62
CA ARG A 38 -13.86 -16.79 -9.59
C ARG A 38 -14.37 -18.16 -9.27
N ALA A 39 -14.46 -18.46 -7.99
CA ALA A 39 -14.96 -19.72 -7.56
C ALA A 39 -16.35 -19.86 -8.15
N ALA A 40 -17.24 -18.88 -8.02
CA ALA A 40 -18.57 -18.98 -8.53
C ALA A 40 -18.56 -19.26 -10.02
N GLU A 41 -17.73 -18.60 -10.81
CA GLU A 41 -17.66 -18.97 -12.24
C GLU A 41 -17.33 -20.40 -12.47
N LEU A 42 -16.66 -21.01 -11.57
CA LEU A 42 -16.27 -22.39 -11.72
C LEU A 42 -17.42 -23.33 -11.27
N GLY A 43 -18.53 -22.80 -10.74
CA GLY A 43 -19.66 -23.67 -10.43
C GLY A 43 -19.84 -23.81 -8.98
N ALA A 44 -18.91 -23.25 -8.23
CA ALA A 44 -19.10 -23.37 -6.76
C ALA A 44 -20.29 -22.60 -6.20
N ARG A 45 -20.89 -23.13 -5.18
CA ARG A 45 -21.93 -22.41 -4.48
C ARG A 45 -21.24 -21.79 -3.23
N ALA A 46 -21.02 -20.46 -3.34
CA ALA A 46 -20.25 -19.64 -2.41
C ALA A 46 -21.05 -18.56 -1.67
N ALA A 47 -20.58 -18.22 -0.50
CA ALA A 47 -21.16 -17.13 0.32
C ALA A 47 -20.00 -16.22 0.81
N VAL A 48 -20.17 -14.92 0.89
CA VAL A 48 -19.17 -13.99 1.38
C VAL A 48 -19.66 -13.49 2.73
N VAL A 49 -18.94 -13.63 3.83
CA VAL A 49 -19.37 -13.01 5.08
C VAL A 49 -18.67 -11.62 5.19
N GLU A 50 -19.36 -10.55 5.50
CA GLU A 50 -18.77 -9.21 5.57
C GLU A 50 -19.44 -8.42 6.67
N SER A 51 -18.65 -7.90 7.54
CA SER A 51 -19.27 -7.26 8.67
C SER A 51 -19.37 -5.80 8.44
N HIS A 52 -18.58 -5.26 7.49
CA HIS A 52 -18.65 -3.81 7.25
C HIS A 52 -19.15 -3.52 5.85
N LYS A 53 -18.32 -2.89 5.00
CA LYS A 53 -18.74 -2.51 3.69
C LYS A 53 -17.97 -3.30 2.67
N LEU A 54 -18.62 -3.71 1.63
CA LEU A 54 -17.90 -4.40 0.62
C LEU A 54 -16.83 -3.50 0.02
N GLY A 55 -15.79 -4.14 -0.51
CA GLY A 55 -14.74 -3.38 -1.10
C GLY A 55 -13.58 -3.45 -0.16
N GLY A 56 -13.83 -3.58 1.15
CA GLY A 56 -12.85 -3.78 2.21
C GLY A 56 -11.94 -2.56 2.33
N THR A 57 -10.69 -2.76 2.72
CA THR A 57 -9.79 -1.60 2.90
C THR A 57 -9.50 -0.75 1.62
N CYS A 58 -9.20 -1.37 0.51
CA CYS A 58 -8.81 -0.62 -0.67
C CYS A 58 -9.82 0.43 -1.10
N VAL A 59 -11.07 0.02 -1.23
CA VAL A 59 -12.15 0.84 -1.68
C VAL A 59 -12.55 1.87 -0.65
N ASN A 60 -12.74 1.48 0.58
CA ASN A 60 -13.24 2.34 1.61
C ASN A 60 -12.29 3.35 2.22
N VAL A 61 -11.08 2.90 2.58
CA VAL A 61 -10.06 3.71 3.27
C VAL A 61 -8.64 3.43 2.74
N GLY A 62 -8.43 3.17 1.45
CA GLY A 62 -7.15 2.75 0.95
C GLY A 62 -6.91 3.25 -0.44
N CYS A 63 -6.57 2.35 -1.30
CA CYS A 63 -6.19 2.64 -2.66
C CYS A 63 -7.02 3.74 -3.31
N VAL A 64 -8.33 3.56 -3.36
CA VAL A 64 -9.30 4.48 -4.04
C VAL A 64 -9.33 5.95 -3.46
N PRO A 65 -9.84 6.17 -2.23
CA PRO A 65 -9.86 7.50 -1.66
C PRO A 65 -8.46 8.07 -1.65
N LYS A 66 -7.40 7.27 -1.50
CA LYS A 66 -5.99 7.72 -1.61
C LYS A 66 -5.66 8.35 -2.99
N LYS A 67 -5.93 7.65 -4.06
CA LYS A 67 -5.57 8.05 -5.42
C LYS A 67 -6.29 9.33 -5.81
N VAL A 68 -7.56 9.45 -5.38
CA VAL A 68 -8.39 10.61 -5.59
C VAL A 68 -7.72 11.85 -4.97
N MET A 69 -7.30 11.72 -3.69
CA MET A 69 -6.52 12.72 -2.96
C MET A 69 -5.17 12.96 -3.63
N TRP A 70 -4.49 11.97 -4.13
CA TRP A 70 -3.26 12.24 -4.85
C TRP A 70 -3.46 13.04 -6.14
N ASN A 71 -4.49 12.76 -6.92
CA ASN A 71 -4.76 13.43 -8.14
C ASN A 71 -5.06 14.89 -7.82
N THR A 72 -5.68 15.10 -6.63
CA THR A 72 -5.95 16.41 -6.06
C THR A 72 -4.62 17.16 -5.74
N ALA A 73 -3.67 16.50 -5.06
CA ALA A 73 -2.37 17.07 -4.77
C ALA A 73 -1.65 17.41 -6.03
N VAL A 74 -1.72 16.48 -6.99
CA VAL A 74 -1.10 16.68 -8.32
C VAL A 74 -1.55 17.95 -9.04
N HIS A 75 -2.81 18.29 -8.88
CA HIS A 75 -3.38 19.54 -9.41
C HIS A 75 -2.80 20.80 -8.75
N SER A 76 -2.60 20.70 -7.43
CA SER A 76 -1.97 21.72 -6.64
C SER A 76 -0.57 22.04 -7.22
N GLU A 77 0.30 21.02 -7.47
CA GLU A 77 1.64 21.23 -8.09
C GLU A 77 1.63 21.69 -9.51
N PHE A 78 0.78 21.15 -10.31
CA PHE A 78 0.73 21.59 -11.67
C PHE A 78 0.32 23.06 -11.76
N MET A 79 -0.66 23.45 -10.94
CA MET A 79 -1.08 24.83 -10.80
C MET A 79 0.13 25.75 -10.40
N HIS A 80 1.19 25.26 -9.71
CA HIS A 80 2.38 26.12 -9.45
C HIS A 80 3.07 26.42 -10.75
N ASP A 81 2.96 25.57 -11.76
CA ASP A 81 3.60 25.77 -13.05
C ASP A 81 2.75 26.60 -13.99
N HIS A 82 1.56 27.00 -13.66
CA HIS A 82 0.67 27.71 -14.55
C HIS A 82 1.26 28.93 -15.23
N ALA A 83 1.85 29.77 -14.42
CA ALA A 83 2.42 30.97 -14.96
C ALA A 83 3.58 30.69 -15.88
N ASP A 84 4.41 29.75 -15.51
CA ASP A 84 5.51 29.41 -16.41
C ASP A 84 5.04 28.95 -17.79
N TYR A 85 3.79 28.52 -17.88
CA TYR A 85 3.43 27.95 -19.11
C TYR A 85 2.66 28.97 -19.93
N GLY A 86 2.59 30.25 -19.59
CA GLY A 86 1.91 31.11 -20.54
C GLY A 86 0.57 31.60 -19.98
N PHE A 87 0.25 31.09 -18.85
CA PHE A 87 -1.00 31.39 -18.35
C PHE A 87 -0.87 32.37 -17.24
N PRO A 88 -1.99 32.85 -16.72
CA PRO A 88 -1.93 33.77 -15.61
C PRO A 88 -2.08 32.98 -14.36
N SER A 89 -1.35 33.46 -13.38
CA SER A 89 -1.34 32.91 -12.05
C SER A 89 -2.76 32.68 -11.53
N CYS A 90 -2.83 31.47 -11.00
CA CYS A 90 -3.95 30.89 -10.32
C CYS A 90 -3.66 31.22 -8.85
N GLU A 91 -4.68 31.78 -8.19
CA GLU A 91 -4.55 32.30 -6.83
C GLU A 91 -4.94 31.49 -5.60
N GLY A 92 -5.61 30.33 -5.60
CA GLY A 92 -5.78 30.21 -4.19
C GLY A 92 -6.01 28.97 -3.45
N LYS A 93 -6.87 29.27 -2.48
CA LYS A 93 -7.29 28.39 -1.43
C LYS A 93 -8.08 27.15 -1.92
N PHE A 94 -7.49 26.03 -1.57
CA PHE A 94 -8.03 24.72 -1.82
C PHE A 94 -9.24 24.45 -0.94
N ASN A 95 -10.29 23.91 -1.51
CA ASN A 95 -11.33 23.67 -0.56
C ASN A 95 -11.51 22.23 -0.24
N TRP A 96 -11.11 21.82 0.91
CA TRP A 96 -11.15 20.41 1.26
C TRP A 96 -12.54 19.75 1.19
N ARG A 97 -13.59 20.41 1.64
CA ARG A 97 -14.89 19.75 1.66
C ARG A 97 -15.53 19.42 0.36
N VAL A 98 -15.18 20.20 -0.59
CA VAL A 98 -15.64 19.94 -1.89
C VAL A 98 -15.22 18.59 -2.39
N ILE A 99 -13.93 18.32 -2.33
CA ILE A 99 -13.35 17.11 -2.85
C ILE A 99 -13.66 16.00 -1.87
N LYS A 100 -13.84 16.34 -0.64
CA LYS A 100 -14.07 15.22 0.18
C LYS A 100 -15.46 14.60 -0.08
N GLU A 101 -16.43 15.47 -0.34
CA GLU A 101 -17.79 15.01 -0.56
C GLU A 101 -17.78 14.18 -1.82
N LYS A 102 -17.08 14.68 -2.83
CA LYS A 102 -17.04 13.99 -4.08
C LYS A 102 -16.32 12.62 -4.00
N ARG A 103 -15.33 12.51 -3.18
CA ARG A 103 -14.56 11.36 -3.02
C ARG A 103 -15.49 10.36 -2.39
N ASP A 104 -16.24 10.75 -1.37
CA ASP A 104 -17.12 9.86 -0.62
C ASP A 104 -18.22 9.25 -1.44
N ALA A 105 -18.74 10.08 -2.31
CA ALA A 105 -19.79 9.68 -3.21
C ALA A 105 -19.25 8.60 -4.15
N TYR A 106 -18.01 8.82 -4.66
CA TYR A 106 -17.37 7.89 -5.52
C TYR A 106 -17.16 6.56 -4.89
N VAL A 107 -16.82 6.54 -3.65
CA VAL A 107 -16.70 5.32 -2.88
C VAL A 107 -18.08 4.67 -2.70
N SER A 108 -19.11 5.45 -2.53
CA SER A 108 -20.46 4.90 -2.40
C SER A 108 -20.84 4.22 -3.69
N ARG A 109 -20.54 4.86 -4.81
CA ARG A 109 -20.74 4.32 -6.14
C ARG A 109 -20.05 2.99 -6.28
N LEU A 110 -18.80 2.82 -5.86
CA LEU A 110 -18.14 1.54 -5.96
C LEU A 110 -18.80 0.54 -5.06
N ASN A 111 -19.22 0.91 -3.87
CA ASN A 111 -19.77 -0.10 -3.01
C ASN A 111 -20.99 -0.73 -3.65
N ALA A 112 -21.76 0.02 -4.37
CA ALA A 112 -22.94 -0.56 -4.92
C ALA A 112 -22.65 -1.44 -6.11
N ILE A 113 -21.62 -1.14 -6.88
CA ILE A 113 -21.18 -1.95 -7.96
C ILE A 113 -20.68 -3.30 -7.49
N TYR A 114 -19.96 -3.27 -6.40
CA TYR A 114 -19.43 -4.52 -5.87
C TYR A 114 -20.54 -5.44 -5.42
N GLN A 115 -21.51 -4.84 -4.78
CA GLN A 115 -22.65 -5.55 -4.27
C GLN A 115 -23.39 -6.18 -5.45
N ASN A 116 -23.57 -5.42 -6.48
CA ASN A 116 -24.21 -5.93 -7.63
C ASN A 116 -23.38 -7.02 -8.25
N ASN A 117 -22.01 -6.94 -8.23
CA ASN A 117 -21.16 -7.98 -8.81
C ASN A 117 -21.42 -9.32 -8.12
N LEU A 118 -21.65 -9.22 -6.81
CA LEU A 118 -21.82 -10.41 -6.05
C LEU A 118 -23.12 -11.02 -6.52
N THR A 119 -24.13 -10.20 -6.50
CA THR A 119 -25.44 -10.60 -6.94
C THR A 119 -25.48 -11.26 -8.30
N LYS A 120 -24.97 -10.64 -9.31
CA LYS A 120 -25.00 -11.25 -10.64
C LYS A 120 -24.32 -12.61 -10.71
N SER A 121 -23.41 -12.85 -9.78
CA SER A 121 -22.61 -14.05 -9.72
C SER A 121 -23.30 -15.10 -8.88
N HIS A 122 -24.39 -14.72 -8.23
CA HIS A 122 -25.11 -15.64 -7.38
C HIS A 122 -24.35 -15.92 -6.13
N ILE A 123 -23.55 -14.94 -5.71
CA ILE A 123 -22.83 -15.14 -4.47
C ILE A 123 -23.70 -14.70 -3.31
N GLU A 124 -23.84 -15.52 -2.33
CA GLU A 124 -24.64 -15.02 -1.21
C GLU A 124 -23.84 -14.10 -0.28
N ILE A 125 -24.39 -13.05 0.24
CA ILE A 125 -23.67 -12.14 1.14
C ILE A 125 -24.18 -12.31 2.53
N ILE A 126 -23.39 -12.72 3.50
CA ILE A 126 -23.90 -12.95 4.86
C ILE A 126 -23.38 -11.78 5.57
N ARG A 127 -24.22 -10.93 6.13
CA ARG A 127 -23.81 -9.71 6.71
C ARG A 127 -23.55 -9.85 8.18
N GLY A 128 -22.40 -9.41 8.68
CA GLY A 128 -22.17 -9.63 10.08
C GLY A 128 -20.74 -10.06 10.35
N HIS A 129 -20.42 -10.34 11.62
CA HIS A 129 -19.04 -10.62 12.00
C HIS A 129 -18.88 -12.08 12.17
N ALA A 130 -17.95 -12.70 11.49
CA ALA A 130 -17.85 -14.18 11.59
C ALA A 130 -16.82 -14.58 12.65
N ALA A 131 -16.99 -15.76 13.25
CA ALA A 131 -16.06 -16.39 14.20
C ALA A 131 -16.17 -17.90 14.07
N PHE A 132 -15.06 -18.64 14.18
CA PHE A 132 -15.09 -20.06 14.15
C PHE A 132 -15.77 -20.61 15.39
N THR A 133 -16.25 -21.86 15.27
CA THR A 133 -16.85 -22.49 16.43
C THR A 133 -15.93 -23.57 16.91
N SER A 134 -16.37 -24.03 18.06
CA SER A 134 -15.78 -25.16 18.81
C SER A 134 -15.96 -26.47 18.00
N ASP A 135 -17.03 -26.56 17.16
CA ASP A 135 -17.35 -27.73 16.33
C ASP A 135 -16.15 -28.30 15.62
N PRO A 136 -16.26 -29.59 15.55
CA PRO A 136 -15.28 -30.47 14.97
C PRO A 136 -15.08 -30.09 13.53
N LYS A 137 -16.04 -30.36 12.62
CA LYS A 137 -15.83 -29.88 11.26
C LYS A 137 -15.93 -28.33 11.27
N PRO A 138 -14.92 -27.77 10.60
CA PRO A 138 -14.73 -26.35 10.60
C PRO A 138 -16.02 -25.64 10.28
N THR A 139 -16.48 -24.83 11.20
CA THR A 139 -17.73 -24.19 11.03
C THR A 139 -17.63 -22.82 11.67
N ILE A 140 -18.28 -21.80 11.08
CA ILE A 140 -18.39 -20.48 11.63
C ILE A 140 -19.81 -20.16 12.07
N GLU A 141 -19.93 -19.10 12.90
CA GLU A 141 -21.20 -18.59 13.37
C GLU A 141 -21.27 -17.11 13.06
N VAL A 142 -22.34 -16.58 12.51
CA VAL A 142 -22.49 -15.15 12.28
C VAL A 142 -23.88 -14.81 12.72
N SER A 143 -23.96 -14.11 13.85
CA SER A 143 -25.26 -13.65 14.35
C SER A 143 -26.14 -14.82 14.78
N GLY A 144 -25.60 -15.76 15.57
CA GLY A 144 -26.35 -16.95 16.00
C GLY A 144 -26.54 -18.05 14.96
N LYS A 145 -26.37 -17.80 13.67
CA LYS A 145 -26.54 -18.88 12.72
C LYS A 145 -25.21 -19.52 12.40
N LYS A 146 -25.26 -20.80 12.05
CA LYS A 146 -24.06 -21.49 11.72
C LYS A 146 -23.90 -21.69 10.21
N TYR A 147 -22.68 -21.78 9.64
CA TYR A 147 -22.49 -21.99 8.20
C TYR A 147 -21.31 -22.87 8.07
N THR A 148 -21.18 -23.64 7.01
CA THR A 148 -20.02 -24.55 6.94
C THR A 148 -19.69 -24.80 5.48
N ALA A 149 -18.50 -25.28 5.16
CA ALA A 149 -18.13 -25.57 3.79
C ALA A 149 -16.88 -26.43 3.82
N PRO A 150 -16.63 -27.18 2.78
CA PRO A 150 -15.45 -28.02 2.84
C PRO A 150 -14.21 -27.19 2.54
N HIS A 151 -14.41 -25.93 2.04
CA HIS A 151 -13.31 -24.98 1.79
C HIS A 151 -13.71 -23.65 2.37
N ILE A 152 -13.01 -23.19 3.39
CA ILE A 152 -13.22 -21.89 4.05
C ILE A 152 -12.06 -20.93 3.83
N LEU A 153 -12.30 -19.73 3.32
CA LEU A 153 -11.21 -18.74 3.08
C LEU A 153 -11.22 -17.60 4.12
N ILE A 154 -10.09 -17.44 4.82
CA ILE A 154 -10.06 -16.33 5.72
C ILE A 154 -9.39 -15.19 4.94
N ALA A 155 -10.08 -14.10 4.79
CA ALA A 155 -9.47 -12.99 4.08
C ALA A 155 -9.90 -11.71 4.77
N THR A 156 -9.78 -11.63 6.09
CA THR A 156 -10.23 -10.54 6.87
C THR A 156 -9.24 -9.38 6.93
N GLY A 157 -8.12 -9.39 6.23
CA GLY A 157 -7.20 -8.26 6.10
C GLY A 157 -6.59 -7.74 7.40
N GLY A 158 -6.23 -6.44 7.43
CA GLY A 158 -5.59 -5.86 8.58
C GLY A 158 -6.19 -4.51 9.00
N MET A 159 -5.51 -3.78 9.90
CA MET A 159 -5.89 -2.49 10.46
C MET A 159 -4.62 -1.74 10.84
N PRO A 160 -4.82 -0.48 11.06
CA PRO A 160 -3.76 0.39 11.43
C PRO A 160 -3.30 0.11 12.83
N SER A 161 -2.01 0.08 12.92
CA SER A 161 -1.41 -0.10 14.20
C SER A 161 -1.30 1.30 14.90
N THR A 162 -1.64 1.34 16.18
CA THR A 162 -1.47 2.52 17.05
C THR A 162 -0.65 2.16 18.32
N PRO A 163 0.08 3.12 18.87
CA PRO A 163 0.81 2.91 20.08
C PRO A 163 -0.12 2.90 21.24
N HIS A 164 0.39 2.12 22.20
CA HIS A 164 -0.18 1.95 23.51
C HIS A 164 0.14 3.17 24.37
N GLU A 165 -0.92 3.67 24.97
CA GLU A 165 -0.82 4.74 25.91
C GLU A 165 0.24 4.38 26.96
N SER A 166 0.38 3.12 27.25
CA SER A 166 1.41 2.75 28.19
C SER A 166 2.82 3.10 27.73
N GLN A 167 3.12 3.13 26.41
CA GLN A 167 4.48 3.44 25.92
C GLN A 167 4.58 4.89 25.45
N ILE A 168 3.48 5.43 24.99
CA ILE A 168 3.51 6.78 24.57
C ILE A 168 2.24 7.38 24.98
N PRO A 169 2.30 8.06 26.10
CA PRO A 169 1.14 8.66 26.68
C PRO A 169 0.56 9.71 25.71
N GLY A 170 -0.74 9.64 25.62
CA GLY A 170 -1.52 10.44 24.72
C GLY A 170 -1.50 9.93 23.30
N ALA A 171 -1.08 8.71 23.03
CA ALA A 171 -1.00 8.25 21.65
C ALA A 171 -2.35 8.34 20.99
N SER A 172 -3.36 8.16 21.85
CA SER A 172 -4.75 8.12 21.42
C SER A 172 -5.34 9.45 20.94
N LEU A 173 -4.58 10.55 21.01
CA LEU A 173 -4.95 11.85 20.51
C LEU A 173 -4.59 11.97 19.03
N GLY A 174 -3.82 10.98 18.52
CA GLY A 174 -3.51 11.04 17.11
C GLY A 174 -4.45 10.09 16.37
N ILE A 175 -4.46 10.22 15.06
CA ILE A 175 -5.36 9.43 14.18
C ILE A 175 -4.55 8.48 13.29
N THR A 176 -5.22 7.62 12.51
CA THR A 176 -4.49 6.76 11.59
C THR A 176 -4.92 7.10 10.18
N SER A 177 -4.50 6.31 9.15
CA SER A 177 -4.89 6.54 7.78
C SER A 177 -6.43 6.49 7.66
N ASP A 178 -7.09 5.69 8.51
CA ASP A 178 -8.53 5.60 8.59
C ASP A 178 -9.13 6.93 8.94
N GLY A 179 -8.57 7.50 9.97
CA GLY A 179 -9.02 8.79 10.44
C GLY A 179 -8.75 9.85 9.41
N PHE A 180 -7.74 9.71 8.60
CA PHE A 180 -7.40 10.68 7.57
C PHE A 180 -8.52 10.85 6.58
N PHE A 181 -9.27 9.78 6.37
CA PHE A 181 -10.34 9.70 5.38
C PHE A 181 -11.64 10.19 5.89
N GLN A 182 -11.64 10.43 7.20
CA GLN A 182 -12.74 11.05 7.89
C GLN A 182 -12.50 12.54 8.08
N LEU A 183 -11.31 13.04 7.85
CA LEU A 183 -11.15 14.45 8.12
C LEU A 183 -12.10 15.33 7.26
N GLU A 184 -12.63 16.44 7.81
CA GLU A 184 -13.53 17.30 7.10
C GLU A 184 -12.93 18.58 6.66
N GLU A 185 -11.87 19.04 7.34
CA GLU A 185 -11.13 20.28 6.95
C GLU A 185 -9.66 19.92 6.74
N LEU A 186 -8.94 20.77 6.06
CA LEU A 186 -7.50 20.57 5.88
C LEU A 186 -6.82 21.02 7.18
N PRO A 187 -6.13 20.14 7.91
CA PRO A 187 -5.38 20.48 9.13
C PRO A 187 -4.31 21.53 8.85
N GLY A 188 -4.22 22.57 9.70
CA GLY A 188 -3.26 23.63 9.51
C GLY A 188 -1.86 23.14 9.77
N ARG A 189 -1.68 22.26 10.75
CA ARG A 189 -0.37 21.79 11.06
C ARG A 189 -0.43 20.30 11.26
N SER A 190 0.43 19.63 10.57
CA SER A 190 0.31 18.23 10.69
C SER A 190 1.67 17.54 10.85
N VAL A 191 1.65 16.50 11.65
CA VAL A 191 2.83 15.72 11.96
C VAL A 191 2.48 14.27 11.70
N ILE A 192 3.29 13.69 10.81
CA ILE A 192 3.15 12.30 10.44
C ILE A 192 4.32 11.52 11.00
N VAL A 193 4.04 10.39 11.63
CA VAL A 193 5.02 9.48 12.19
C VAL A 193 5.07 8.18 11.38
N GLY A 194 6.18 7.89 10.69
CA GLY A 194 6.39 6.67 9.99
C GLY A 194 7.21 6.98 8.80
N ALA A 195 7.88 5.98 8.30
CA ALA A 195 8.74 6.09 7.16
C ALA A 195 8.38 5.16 5.96
N GLY A 196 7.22 4.44 6.09
CA GLY A 196 6.73 3.52 5.06
C GLY A 196 6.00 4.28 3.96
N TYR A 197 5.48 3.57 2.95
CA TYR A 197 4.81 4.22 1.86
C TYR A 197 3.57 5.02 2.23
N ILE A 198 2.81 4.56 3.21
CA ILE A 198 1.59 5.26 3.62
C ILE A 198 1.92 6.63 4.18
N ALA A 199 2.92 6.66 5.07
CA ALA A 199 3.51 7.78 5.69
C ALA A 199 3.94 8.71 4.59
N VAL A 200 4.73 8.19 3.69
CA VAL A 200 5.19 9.04 2.60
C VAL A 200 4.06 9.67 1.81
N GLU A 201 3.09 8.85 1.47
CA GLU A 201 1.97 9.28 0.66
C GLU A 201 1.17 10.28 1.42
N MET A 202 0.84 9.97 2.63
CA MET A 202 0.13 10.99 3.34
C MET A 202 0.86 12.29 3.50
N ALA A 203 2.16 12.34 3.91
CA ALA A 203 2.92 13.58 4.04
C ALA A 203 2.82 14.37 2.70
N GLY A 204 2.91 13.68 1.57
CA GLY A 204 2.91 14.32 0.24
C GLY A 204 1.62 14.99 -0.19
N ILE A 205 0.50 14.41 0.18
CA ILE A 205 -0.84 14.90 -0.06
C ILE A 205 -1.16 16.08 0.84
N LEU A 206 -0.88 16.00 2.18
CA LEU A 206 -1.11 17.07 3.16
C LEU A 206 -0.30 18.34 2.82
N SER A 207 0.96 18.13 2.44
CA SER A 207 1.85 19.16 2.05
C SER A 207 1.44 19.96 0.81
N ALA A 208 1.20 19.26 -0.29
CA ALA A 208 0.80 19.83 -1.58
C ALA A 208 -0.51 20.61 -1.40
N LEU A 209 -1.38 20.13 -0.50
CA LEU A 209 -2.67 20.73 -0.27
C LEU A 209 -2.54 21.92 0.64
N GLY A 210 -1.34 22.16 1.20
CA GLY A 210 -1.06 23.34 2.03
C GLY A 210 -0.91 23.20 3.51
N SER A 211 -0.95 21.97 4.02
CA SER A 211 -0.76 21.73 5.42
C SER A 211 0.72 21.92 5.72
N LYS A 212 1.02 22.54 6.86
CA LYS A 212 2.40 22.70 7.24
C LYS A 212 2.79 21.36 7.85
N THR A 213 3.49 20.58 7.07
CA THR A 213 3.76 19.21 7.40
C THR A 213 5.16 18.76 7.75
N SER A 214 5.25 17.91 8.77
CA SER A 214 6.44 17.27 9.24
C SER A 214 6.24 15.76 9.13
N LEU A 215 7.32 15.06 8.81
CA LEU A 215 7.41 13.61 8.74
C LEU A 215 8.48 13.16 9.71
N MET A 216 8.03 12.48 10.70
CA MET A 216 8.89 12.01 11.74
C MET A 216 9.30 10.54 11.54
N ILE A 217 10.58 10.34 11.22
CA ILE A 217 11.20 9.09 10.91
C ILE A 217 12.31 8.67 11.89
N ARG A 218 12.39 7.41 12.28
CA ARG A 218 13.42 6.98 13.19
C ARG A 218 14.83 6.87 12.65
N HIS A 219 15.09 6.98 11.37
CA HIS A 219 16.43 6.94 10.86
C HIS A 219 16.62 8.20 10.06
N ASP A 220 17.35 8.09 8.96
CA ASP A 220 17.66 9.27 8.19
C ASP A 220 16.98 9.33 6.83
N LYS A 221 16.34 8.29 6.42
CA LYS A 221 15.72 8.15 5.12
C LYS A 221 14.44 7.41 5.28
N VAL A 222 13.53 7.62 4.35
CA VAL A 222 12.22 6.90 4.24
C VAL A 222 12.32 5.69 3.29
N LEU A 223 11.34 4.81 3.37
CA LEU A 223 11.37 3.71 2.43
C LEU A 223 12.69 2.99 2.49
N ARG A 224 13.12 2.72 3.66
CA ARG A 224 14.40 2.12 3.80
C ARG A 224 14.54 0.69 3.23
N SER A 225 13.40 0.01 2.87
CA SER A 225 13.43 -1.33 2.25
C SER A 225 13.46 -1.33 0.70
N PHE A 226 13.42 -0.13 0.11
CA PHE A 226 13.51 0.11 -1.31
C PHE A 226 14.95 0.19 -1.69
N ASP A 227 15.24 0.13 -2.93
CA ASP A 227 16.60 0.24 -3.32
C ASP A 227 17.09 1.54 -2.76
N SER A 228 18.31 1.62 -2.39
CA SER A 228 18.84 2.82 -1.74
C SER A 228 18.89 4.11 -2.66
N MET A 229 18.79 3.88 -3.94
CA MET A 229 18.70 5.00 -4.83
C MET A 229 17.36 5.65 -4.63
N ILE A 230 16.33 4.85 -4.38
CA ILE A 230 15.00 5.34 -4.15
C ILE A 230 14.83 5.91 -2.76
N SER A 231 15.37 5.30 -1.70
CA SER A 231 15.15 5.94 -0.43
C SER A 231 15.84 7.28 -0.36
N THR A 232 16.97 7.42 -1.00
CA THR A 232 17.68 8.67 -0.99
C THR A 232 16.98 9.72 -1.80
N ASN A 233 16.64 9.36 -3.00
CA ASN A 233 15.99 10.32 -3.86
C ASN A 233 14.65 10.71 -3.29
N CYS A 234 13.93 9.72 -2.71
CA CYS A 234 12.62 10.01 -2.19
C CYS A 234 12.72 10.99 -1.00
N THR A 235 13.74 10.90 -0.14
CA THR A 235 13.89 11.77 1.03
C THR A 235 14.19 13.19 0.59
N GLU A 236 14.93 13.30 -0.48
CA GLU A 236 15.25 14.60 -0.99
C GLU A 236 14.10 15.33 -1.59
N GLU A 237 13.28 14.61 -2.38
CA GLU A 237 12.14 15.16 -3.08
C GLU A 237 11.15 15.58 -2.04
N LEU A 238 11.04 14.86 -0.98
CA LEU A 238 10.16 15.29 0.07
C LEU A 238 10.55 16.66 0.59
N GLU A 239 11.84 16.86 0.81
CA GLU A 239 12.36 18.07 1.39
C GLU A 239 12.22 19.22 0.48
N ASN A 240 12.50 18.96 -0.78
CA ASN A 240 12.40 19.95 -1.80
C ASN A 240 10.98 20.38 -2.03
N ALA A 241 10.00 19.58 -1.64
CA ALA A 241 8.58 19.86 -1.86
C ALA A 241 8.00 20.53 -0.65
N GLY A 242 8.81 20.85 0.34
CA GLY A 242 8.33 21.54 1.53
C GLY A 242 7.99 20.73 2.77
N VAL A 243 8.27 19.43 2.77
CA VAL A 243 7.98 18.57 3.90
C VAL A 243 9.16 18.59 4.86
N GLU A 244 8.93 18.81 6.14
CA GLU A 244 10.03 18.74 7.07
C GLU A 244 10.21 17.35 7.62
N VAL A 245 11.27 16.67 7.22
CA VAL A 245 11.62 15.35 7.72
C VAL A 245 12.50 15.50 8.93
N LEU A 246 11.95 15.11 10.05
CA LEU A 246 12.62 15.07 11.31
C LEU A 246 13.33 13.72 11.39
N LYS A 247 14.64 13.60 11.11
CA LYS A 247 15.38 12.31 11.21
C LYS A 247 15.75 11.87 12.64
N PHE A 248 15.94 10.57 12.85
CA PHE A 248 16.22 10.02 14.15
C PHE A 248 15.32 10.53 15.21
N SER A 249 14.07 10.81 14.91
CA SER A 249 13.20 11.31 15.96
C SER A 249 12.13 10.34 16.28
N GLN A 250 11.56 10.44 17.46
CA GLN A 250 10.47 9.61 17.89
C GLN A 250 9.63 10.31 18.93
N VAL A 251 8.41 9.90 19.00
CA VAL A 251 7.53 10.57 19.88
C VAL A 251 7.65 10.02 21.29
N LYS A 252 7.67 10.93 22.28
CA LYS A 252 7.81 10.52 23.60
C LYS A 252 6.52 10.71 24.31
N GLU A 253 5.78 11.70 23.88
CA GLU A 253 4.48 11.96 24.48
C GLU A 253 3.67 12.97 23.73
N VAL A 254 2.39 12.81 23.85
CA VAL A 254 1.46 13.67 23.17
C VAL A 254 0.53 14.24 24.18
N LYS A 255 0.27 15.55 24.06
CA LYS A 255 -0.69 16.22 24.92
C LYS A 255 -1.57 17.28 24.24
N LYS A 256 -2.80 17.37 24.72
CA LYS A 256 -3.93 18.22 24.27
C LYS A 256 -3.73 19.55 24.96
N THR A 257 -3.34 20.61 24.25
CA THR A 257 -3.08 21.92 24.75
C THR A 257 -4.27 22.75 24.39
N LEU A 258 -4.26 24.02 24.72
CA LEU A 258 -5.38 24.94 24.58
C LEU A 258 -5.80 25.06 23.13
N SER A 259 -4.79 24.84 22.30
CA SER A 259 -5.01 24.96 20.89
C SER A 259 -4.25 23.95 20.03
N GLY A 260 -4.72 22.73 20.15
CA GLY A 260 -4.22 21.66 19.36
C GLY A 260 -3.46 20.69 20.21
N LEU A 261 -2.47 20.10 19.60
CA LEU A 261 -1.70 19.15 20.31
C LEU A 261 -0.31 19.68 20.41
N GLU A 262 0.37 19.13 21.41
CA GLU A 262 1.80 19.38 21.62
C GLU A 262 2.54 18.04 21.72
N VAL A 263 3.45 17.82 20.77
CA VAL A 263 4.19 16.60 20.58
C VAL A 263 5.58 16.78 21.14
N SER A 264 5.92 15.85 22.02
CA SER A 264 7.21 15.83 22.68
C SER A 264 7.99 14.81 21.95
N MET A 265 9.13 15.20 21.46
CA MET A 265 9.92 14.25 20.76
C MET A 265 11.39 14.21 21.19
N VAL A 266 11.99 13.01 21.07
CA VAL A 266 13.39 12.81 21.34
C VAL A 266 14.08 12.70 19.98
N THR A 267 15.14 13.45 19.69
CA THR A 267 15.91 13.35 18.46
C THR A 267 17.28 12.77 18.86
N ALA A 268 17.69 11.66 18.30
CA ALA A 268 18.92 10.99 18.68
C ALA A 268 19.80 10.72 17.49
N VAL A 269 20.42 11.75 16.95
CA VAL A 269 21.35 11.59 15.86
C VAL A 269 22.54 10.87 16.38
N PRO A 270 23.02 9.89 15.64
CA PRO A 270 24.12 9.14 16.20
C PRO A 270 25.39 9.96 16.10
N GLY A 271 26.09 9.99 17.26
CA GLY A 271 27.29 10.79 17.46
C GLY A 271 26.92 12.14 18.06
N ARG A 272 25.86 12.16 18.81
CA ARG A 272 25.43 13.41 19.31
C ARG A 272 24.61 13.14 20.50
N LEU A 273 24.46 14.15 21.32
CA LEU A 273 23.61 13.95 22.48
C LEU A 273 22.14 14.04 22.04
N PRO A 274 21.32 13.21 22.65
CA PRO A 274 19.91 13.27 22.47
C PRO A 274 19.36 14.64 22.86
N VAL A 275 18.33 15.06 22.13
CA VAL A 275 17.76 16.33 22.39
C VAL A 275 16.24 16.19 22.40
N MET A 276 15.54 16.80 23.35
CA MET A 276 14.10 16.69 23.43
C MET A 276 13.46 17.97 22.90
N THR A 277 12.38 17.91 22.09
CA THR A 277 11.73 19.08 21.52
C THR A 277 10.23 19.03 21.65
N MET A 278 9.61 20.15 21.82
CA MET A 278 8.18 20.15 21.89
C MET A 278 7.74 20.65 20.57
N ILE A 279 6.72 20.03 20.00
CA ILE A 279 6.10 20.50 18.80
C ILE A 279 4.68 20.89 19.19
N PRO A 280 4.43 22.19 19.09
CA PRO A 280 3.21 22.82 19.55
C PRO A 280 2.34 23.20 18.40
N ASP A 281 1.08 23.32 18.77
CA ASP A 281 0.06 23.78 17.87
C ASP A 281 -0.14 22.79 16.74
N VAL A 282 -0.17 21.51 17.09
CA VAL A 282 -0.39 20.50 16.08
C VAL A 282 -1.89 20.17 15.94
N ASP A 283 -2.41 20.29 14.73
CA ASP A 283 -3.79 20.04 14.45
C ASP A 283 -3.99 18.57 14.26
N CYS A 284 -3.03 18.02 13.54
CA CYS A 284 -3.15 16.63 13.19
C CYS A 284 -1.90 15.81 13.47
N LEU A 285 -2.04 14.80 14.34
CA LEU A 285 -1.00 13.83 14.58
C LEU A 285 -1.44 12.50 13.92
N LEU A 286 -0.70 12.04 12.92
CA LEU A 286 -1.07 10.89 12.17
C LEU A 286 -0.05 9.77 12.29
N TRP A 287 -0.48 8.65 12.88
CA TRP A 287 0.33 7.45 13.07
C TRP A 287 0.34 6.61 11.78
N ALA A 288 1.53 6.37 11.15
CA ALA A 288 1.61 5.59 9.94
C ALA A 288 2.74 4.63 10.19
N ILE A 289 2.57 3.92 11.30
CA ILE A 289 3.60 3.06 11.81
C ILE A 289 3.55 1.61 11.44
N GLY A 290 2.45 1.06 10.94
CA GLY A 290 2.37 -0.34 10.53
C GLY A 290 0.95 -0.79 10.49
N ARG A 291 0.78 -2.07 10.17
CA ARG A 291 -0.60 -2.59 10.10
C ARG A 291 -0.72 -3.84 10.90
N VAL A 292 -1.80 -4.07 11.56
CA VAL A 292 -1.88 -5.31 12.31
C VAL A 292 -2.95 -6.24 11.73
N PRO A 293 -2.78 -7.57 11.79
CA PRO A 293 -3.76 -8.43 11.15
C PRO A 293 -5.03 -8.51 11.96
N ASN A 294 -6.12 -8.64 11.29
CA ASN A 294 -7.41 -8.69 11.94
C ASN A 294 -7.79 -10.17 12.16
N THR A 295 -7.32 -10.78 13.21
CA THR A 295 -7.49 -12.20 13.47
C THR A 295 -7.93 -12.45 14.92
N LYS A 296 -7.85 -11.35 15.60
CA LYS A 296 -8.11 -11.28 17.00
C LYS A 296 -9.48 -11.81 17.32
N ASP A 297 -10.48 -11.39 16.55
CA ASP A 297 -11.79 -11.85 16.95
C ASP A 297 -12.37 -13.05 16.21
N LEU A 298 -11.57 -13.88 15.60
CA LEU A 298 -11.98 -15.02 14.79
C LEU A 298 -12.11 -16.32 15.60
N SER A 299 -11.59 -16.35 16.83
CA SER A 299 -11.65 -17.63 17.53
C SER A 299 -10.84 -18.72 16.86
N LEU A 300 -9.74 -18.32 16.27
CA LEU A 300 -8.89 -19.26 15.58
C LEU A 300 -8.48 -20.39 16.42
N ASN A 301 -8.14 -20.05 17.61
CA ASN A 301 -7.62 -21.02 18.53
C ASN A 301 -8.61 -22.16 18.77
N LYS A 302 -9.90 -21.97 18.49
CA LYS A 302 -10.84 -23.08 18.63
C LYS A 302 -10.56 -24.16 17.60
N LEU A 303 -9.83 -23.82 16.55
CA LEU A 303 -9.46 -24.82 15.57
C LEU A 303 -7.95 -25.12 15.60
N GLY A 304 -7.24 -24.31 16.40
CA GLY A 304 -5.81 -24.45 16.51
C GLY A 304 -5.13 -23.94 15.25
N ILE A 305 -5.71 -22.96 14.62
CA ILE A 305 -5.06 -22.45 13.42
C ILE A 305 -3.79 -21.71 13.84
N GLN A 306 -2.67 -21.93 13.17
CA GLN A 306 -1.40 -21.28 13.49
C GLN A 306 -1.36 -19.82 13.05
N THR A 307 -0.85 -18.99 13.97
CA THR A 307 -0.57 -17.61 13.67
C THR A 307 0.86 -17.41 14.12
N ASP A 308 1.44 -16.29 13.75
CA ASP A 308 2.77 -15.91 14.19
C ASP A 308 2.51 -15.09 15.44
N ASP A 309 3.55 -14.53 16.00
CA ASP A 309 3.30 -13.69 17.17
C ASP A 309 2.68 -12.33 16.87
N LYS A 310 2.49 -11.92 15.63
CA LYS A 310 1.74 -10.66 15.42
C LYS A 310 0.28 -10.93 15.18
N GLY A 311 -0.13 -12.17 15.12
CA GLY A 311 -1.52 -12.45 14.89
C GLY A 311 -1.70 -12.77 13.43
N HIS A 312 -0.65 -12.84 12.64
CA HIS A 312 -0.75 -13.27 11.24
C HIS A 312 -1.10 -14.74 11.08
N ILE A 313 -1.87 -15.09 10.08
CA ILE A 313 -2.15 -16.46 9.82
C ILE A 313 -1.03 -17.02 8.99
N ILE A 314 -0.56 -18.22 9.34
CA ILE A 314 0.58 -18.80 8.64
C ILE A 314 0.03 -19.63 7.48
N VAL A 315 0.60 -19.58 6.26
CA VAL A 315 0.09 -20.39 5.20
C VAL A 315 1.30 -20.92 4.50
N ASP A 316 1.05 -21.80 3.57
CA ASP A 316 2.08 -22.37 2.74
C ASP A 316 1.99 -21.72 1.36
N GLU A 317 2.70 -22.23 0.35
CA GLU A 317 2.71 -21.60 -0.96
C GLU A 317 1.37 -21.65 -1.69
N PHE A 318 0.47 -22.48 -1.19
CA PHE A 318 -0.79 -22.64 -1.85
C PHE A 318 -1.82 -21.95 -1.04
N GLN A 319 -1.42 -21.20 -0.04
CA GLN A 319 -2.36 -20.49 0.80
C GLN A 319 -3.02 -21.40 1.78
N ASN A 320 -2.50 -22.61 1.97
CA ASN A 320 -3.11 -23.42 3.02
C ASN A 320 -2.66 -23.00 4.43
N THR A 321 -3.56 -23.16 5.37
CA THR A 321 -3.33 -22.97 6.78
C THR A 321 -2.89 -24.33 7.23
N ASN A 322 -2.71 -24.56 8.50
CA ASN A 322 -2.21 -25.86 8.96
C ASN A 322 -3.33 -26.85 9.11
N VAL A 323 -4.53 -26.32 9.07
CA VAL A 323 -5.75 -27.06 9.16
C VAL A 323 -6.32 -27.29 7.74
N LYS A 324 -6.68 -28.56 7.40
CA LYS A 324 -7.32 -28.95 6.11
C LYS A 324 -8.64 -28.23 5.80
N GLY A 325 -8.67 -27.68 4.56
CA GLY A 325 -9.83 -26.95 4.03
C GLY A 325 -10.07 -25.56 4.62
N ILE A 326 -9.01 -24.92 5.19
CA ILE A 326 -8.96 -23.57 5.76
C ILE A 326 -7.78 -22.90 5.12
N TYR A 327 -8.03 -21.80 4.42
CA TYR A 327 -6.98 -21.11 3.68
C TYR A 327 -7.06 -19.69 4.11
N ALA A 328 -6.08 -18.90 3.70
CA ALA A 328 -5.95 -17.48 4.06
C ALA A 328 -5.19 -16.80 2.93
N VAL A 329 -5.65 -15.61 2.52
CA VAL A 329 -5.02 -14.77 1.51
C VAL A 329 -5.06 -13.34 1.92
N GLY A 330 -4.13 -12.58 1.31
CA GLY A 330 -4.04 -11.14 1.51
C GLY A 330 -3.40 -10.68 2.82
N ASP A 331 -3.77 -9.50 3.23
CA ASP A 331 -3.19 -8.81 4.31
C ASP A 331 -3.08 -9.60 5.58
N VAL A 332 -4.01 -10.50 5.80
CA VAL A 332 -4.01 -11.21 7.06
C VAL A 332 -2.80 -12.08 7.30
N CYS A 333 -2.19 -12.45 6.20
CA CYS A 333 -1.07 -13.38 6.09
C CYS A 333 0.14 -12.55 6.19
N GLY A 334 0.02 -11.22 6.06
CA GLY A 334 1.12 -10.37 6.32
C GLY A 334 2.26 -10.30 5.34
N LYS A 335 2.13 -10.86 4.15
CA LYS A 335 3.11 -10.75 3.13
C LYS A 335 2.62 -10.06 1.85
N ALA A 336 3.38 -9.11 1.32
CA ALA A 336 3.06 -8.32 0.16
C ALA A 336 1.69 -7.69 0.31
N LEU A 337 1.56 -6.68 1.21
CA LEU A 337 0.32 -6.00 1.56
C LEU A 337 -0.17 -5.02 0.48
N LEU A 338 -0.72 -5.61 -0.60
CA LEU A 338 -1.22 -4.95 -1.77
C LEU A 338 -2.46 -5.65 -2.23
N THR A 339 -3.33 -4.88 -2.87
CA THR A 339 -4.66 -5.30 -3.37
C THR A 339 -4.56 -6.26 -4.53
N PRO A 340 -3.72 -5.99 -5.51
CA PRO A 340 -3.57 -6.93 -6.56
C PRO A 340 -2.98 -8.31 -6.18
N VAL A 341 -2.23 -8.43 -5.03
CA VAL A 341 -1.64 -9.64 -4.53
C VAL A 341 -2.76 -10.44 -3.87
N ALA A 342 -3.64 -9.78 -3.09
CA ALA A 342 -4.77 -10.49 -2.52
C ALA A 342 -5.62 -11.07 -3.64
N ILE A 343 -5.95 -10.24 -4.59
CA ILE A 343 -6.70 -10.65 -5.76
C ILE A 343 -6.00 -11.85 -6.47
N ALA A 344 -4.75 -11.71 -6.86
CA ALA A 344 -4.09 -12.79 -7.59
C ALA A 344 -4.04 -14.10 -6.79
N ALA A 345 -3.76 -14.00 -5.50
CA ALA A 345 -3.76 -15.17 -4.67
C ALA A 345 -5.19 -15.76 -4.54
N GLY A 346 -6.26 -14.90 -4.41
CA GLY A 346 -7.58 -15.45 -4.18
C GLY A 346 -8.01 -16.13 -5.46
N ARG A 347 -7.62 -15.58 -6.61
CA ARG A 347 -7.94 -16.13 -7.90
C ARG A 347 -7.24 -17.44 -8.17
N LYS A 348 -5.96 -17.56 -7.97
CA LYS A 348 -5.23 -18.79 -8.17
C LYS A 348 -5.79 -19.90 -7.28
N LEU A 349 -6.28 -19.55 -6.12
CA LEU A 349 -6.78 -20.47 -5.17
C LEU A 349 -8.14 -21.00 -5.64
N ALA A 350 -8.98 -20.16 -6.21
CA ALA A 350 -10.24 -20.68 -6.73
C ALA A 350 -9.91 -21.70 -7.85
N HIS A 351 -8.98 -21.42 -8.74
CA HIS A 351 -8.66 -22.38 -9.77
C HIS A 351 -8.18 -23.69 -9.22
N ARG A 352 -7.33 -23.68 -8.20
CA ARG A 352 -6.82 -24.85 -7.54
C ARG A 352 -7.93 -25.68 -6.88
N LEU A 353 -8.83 -25.09 -6.13
CA LEU A 353 -9.90 -25.76 -5.44
C LEU A 353 -11.03 -26.22 -6.35
N PHE A 354 -11.49 -25.37 -7.28
CA PHE A 354 -12.63 -25.65 -8.13
C PHE A 354 -12.37 -26.02 -9.55
N GLU A 355 -11.16 -25.95 -9.94
CA GLU A 355 -10.81 -26.39 -11.25
C GLU A 355 -9.74 -27.48 -11.23
N TYR A 356 -9.45 -27.94 -10.03
CA TYR A 356 -8.53 -29.06 -9.78
C TYR A 356 -7.11 -28.83 -10.33
N LYS A 357 -6.66 -27.56 -10.58
CA LYS A 357 -5.28 -27.19 -11.00
C LYS A 357 -4.39 -27.14 -9.75
N GLU A 358 -3.82 -28.29 -9.49
CA GLU A 358 -3.05 -28.41 -8.25
C GLU A 358 -1.78 -27.56 -8.18
N ASP A 359 -1.32 -27.10 -9.31
CA ASP A 359 -0.11 -26.36 -9.35
C ASP A 359 -0.49 -24.89 -9.30
N SER A 360 -1.76 -24.56 -9.26
CA SER A 360 -2.24 -23.16 -9.22
C SER A 360 -1.94 -22.44 -7.89
N LYS A 361 -0.98 -21.50 -8.01
CA LYS A 361 -0.56 -20.65 -6.92
C LYS A 361 0.10 -19.40 -7.45
N LEU A 362 0.19 -18.41 -6.55
CA LEU A 362 0.80 -17.13 -6.87
C LEU A 362 2.31 -17.18 -6.67
N ASP A 363 2.99 -16.65 -7.66
CA ASP A 363 4.42 -16.47 -7.52
C ASP A 363 4.61 -15.15 -6.83
N TYR A 364 5.19 -15.12 -5.67
CA TYR A 364 5.47 -13.88 -4.93
C TYR A 364 6.71 -13.11 -5.36
N ASN A 365 7.38 -13.52 -6.40
CA ASN A 365 8.50 -12.74 -6.88
C ASN A 365 8.06 -11.85 -7.97
N ASN A 366 8.84 -10.82 -8.10
CA ASN A 366 8.60 -9.84 -9.11
C ASN A 366 7.21 -9.17 -9.06
N ILE A 367 6.66 -8.91 -7.87
CA ILE A 367 5.42 -8.17 -7.72
C ILE A 367 5.79 -6.71 -7.91
N PRO A 368 5.17 -5.92 -8.74
CA PRO A 368 5.54 -4.50 -8.83
C PRO A 368 4.71 -3.63 -7.85
N THR A 369 5.36 -2.52 -7.39
CA THR A 369 4.77 -1.49 -6.52
C THR A 369 4.93 -0.11 -7.06
N VAL A 370 3.92 0.71 -6.88
CA VAL A 370 3.99 2.11 -7.21
C VAL A 370 3.74 2.80 -5.90
N VAL A 371 4.53 3.79 -5.57
CA VAL A 371 4.31 4.61 -4.38
C VAL A 371 3.88 5.96 -4.93
N PHE A 372 2.74 6.42 -4.44
CA PHE A 372 2.14 7.66 -4.96
C PHE A 372 2.71 8.86 -4.28
N SER A 373 3.97 9.02 -4.51
CA SER A 373 4.63 10.19 -3.96
C SER A 373 4.66 11.24 -5.04
N HIS A 374 5.42 12.33 -4.82
CA HIS A 374 5.59 13.38 -5.75
C HIS A 374 7.07 13.54 -6.06
N PRO A 375 7.64 13.07 -7.19
CA PRO A 375 7.03 12.31 -8.23
C PRO A 375 6.80 10.90 -7.77
N PRO A 376 5.92 10.12 -8.41
CA PRO A 376 5.60 8.77 -7.98
C PRO A 376 6.80 7.82 -8.14
N ILE A 377 6.73 6.71 -7.47
CA ILE A 377 7.80 5.71 -7.44
C ILE A 377 7.31 4.37 -8.03
N GLY A 378 8.15 3.72 -8.86
CA GLY A 378 7.77 2.43 -9.39
C GLY A 378 8.92 1.48 -9.15
N THR A 379 8.63 0.32 -8.68
CA THR A 379 9.68 -0.62 -8.43
C THR A 379 9.24 -2.06 -8.71
N VAL A 380 10.15 -2.87 -9.27
CA VAL A 380 9.81 -4.31 -9.44
C VAL A 380 11.07 -5.14 -9.24
N GLY A 381 11.03 -6.26 -8.54
CA GLY A 381 12.16 -7.12 -8.43
C GLY A 381 13.21 -6.78 -7.37
N LEU A 382 14.42 -7.18 -7.55
CA LEU A 382 15.43 -7.02 -6.52
C LEU A 382 16.09 -5.66 -6.46
N THR A 383 16.40 -5.24 -5.21
CA THR A 383 17.21 -4.03 -5.03
C THR A 383 18.65 -4.42 -5.34
N GLU A 384 19.51 -3.42 -5.49
CA GLU A 384 20.90 -3.70 -5.74
C GLU A 384 21.58 -4.60 -4.68
N ASP A 385 21.22 -4.38 -3.45
CA ASP A 385 21.71 -5.13 -2.33
C ASP A 385 21.29 -6.56 -2.35
N GLU A 386 20.00 -6.77 -2.60
CA GLU A 386 19.40 -8.09 -2.69
C GLU A 386 20.00 -8.86 -3.87
N ALA A 387 20.34 -8.21 -4.98
CA ALA A 387 20.90 -9.00 -6.07
C ALA A 387 22.32 -9.34 -5.67
N ILE A 388 22.97 -8.42 -4.98
CA ILE A 388 24.30 -8.67 -4.56
C ILE A 388 24.38 -9.90 -3.67
N HIS A 389 23.46 -10.06 -2.71
CA HIS A 389 23.31 -11.22 -1.80
C HIS A 389 22.89 -12.49 -2.50
N LYS A 390 22.19 -12.38 -3.63
CA LYS A 390 21.69 -13.58 -4.28
C LYS A 390 22.71 -14.08 -5.30
N TYR A 391 23.35 -13.17 -6.01
CA TYR A 391 24.24 -13.64 -7.03
C TYR A 391 25.71 -13.39 -6.76
N GLY A 392 26.04 -12.46 -5.86
CA GLY A 392 27.41 -12.08 -5.62
C GLY A 392 27.81 -10.80 -6.31
N ILE A 393 28.61 -9.98 -5.64
CA ILE A 393 29.07 -8.72 -6.20
C ILE A 393 29.70 -8.90 -7.54
N GLU A 394 30.34 -9.99 -7.78
CA GLU A 394 31.04 -10.02 -9.02
C GLU A 394 30.04 -10.30 -10.15
N ASN A 395 28.83 -10.72 -9.82
CA ASN A 395 27.84 -11.06 -10.87
C ASN A 395 26.69 -10.06 -11.06
N VAL A 396 26.82 -8.87 -10.49
CA VAL A 396 25.77 -7.88 -10.51
C VAL A 396 26.25 -6.59 -11.11
N LYS A 397 25.53 -6.18 -12.10
CA LYS A 397 25.94 -4.96 -12.72
C LYS A 397 24.69 -4.06 -12.78
N THR A 398 24.83 -2.77 -12.53
CA THR A 398 23.68 -1.95 -12.57
C THR A 398 23.86 -0.85 -13.58
N TYR A 399 22.72 -0.30 -14.01
CA TYR A 399 22.78 0.82 -14.89
C TYR A 399 21.84 1.85 -14.33
N SER A 400 22.16 3.12 -14.47
CA SER A 400 21.25 4.14 -13.96
C SER A 400 21.37 5.44 -14.74
N THR A 401 20.44 6.37 -14.53
CA THR A 401 20.41 7.63 -15.23
C THR A 401 19.69 8.63 -14.32
N SER A 402 19.94 9.93 -14.51
CA SER A 402 19.26 10.91 -13.69
C SER A 402 19.10 12.06 -14.63
N PHE A 403 17.90 12.63 -14.71
CA PHE A 403 17.69 13.73 -15.65
C PHE A 403 16.45 14.42 -15.23
N THR A 404 16.38 15.60 -15.73
CA THR A 404 15.25 16.53 -15.57
C THR A 404 14.25 16.37 -16.73
N PRO A 405 13.04 15.89 -16.41
CA PRO A 405 12.08 15.61 -17.46
C PRO A 405 11.83 16.87 -18.28
N MET A 406 11.69 16.74 -19.58
CA MET A 406 11.44 17.80 -20.50
C MET A 406 10.26 18.72 -20.09
N TYR A 407 9.28 18.22 -19.30
CA TYR A 407 8.20 19.02 -18.75
C TYR A 407 8.76 20.25 -18.00
N HIS A 408 9.95 20.14 -17.40
CA HIS A 408 10.49 21.18 -16.58
C HIS A 408 11.43 22.07 -17.33
N ALA A 409 11.60 21.84 -18.59
CA ALA A 409 12.45 22.69 -19.41
C ALA A 409 12.09 24.15 -19.33
N VAL A 410 10.83 24.42 -19.06
CA VAL A 410 10.36 25.77 -19.02
C VAL A 410 9.78 26.13 -17.67
N THR A 411 9.99 25.36 -16.59
CA THR A 411 9.45 25.76 -15.31
C THR A 411 10.57 26.19 -14.35
N LYS A 412 10.21 26.88 -13.24
CA LYS A 412 11.20 27.28 -12.24
C LYS A 412 11.30 26.26 -11.17
N ARG A 413 10.21 25.55 -11.00
CA ARG A 413 10.08 24.42 -10.13
C ARG A 413 10.65 23.23 -10.91
N LYS A 414 11.31 22.35 -10.20
CA LYS A 414 11.93 21.19 -10.84
C LYS A 414 11.77 19.93 -10.03
N THR A 415 11.84 18.83 -10.76
CA THR A 415 11.78 17.53 -10.11
C THR A 415 12.73 16.82 -11.01
N LYS A 416 13.11 15.66 -10.58
CA LYS A 416 14.07 14.88 -11.25
C LYS A 416 13.51 13.50 -11.57
N CYS A 417 14.16 12.81 -12.47
CA CYS A 417 13.77 11.46 -12.75
C CYS A 417 15.00 10.59 -12.56
N VAL A 418 14.96 9.55 -11.72
CA VAL A 418 16.06 8.64 -11.48
C VAL A 418 15.54 7.26 -11.84
N MET A 419 16.36 6.50 -12.61
CA MET A 419 16.07 5.16 -13.02
C MET A 419 17.22 4.25 -12.72
N LYS A 420 16.98 3.01 -12.34
CA LYS A 420 18.08 2.15 -12.08
C LYS A 420 17.69 0.79 -12.55
N MET A 421 18.59 0.14 -13.23
CA MET A 421 18.35 -1.21 -13.68
C MET A 421 19.41 -2.12 -13.09
N VAL A 422 18.99 -3.13 -12.38
CA VAL A 422 19.88 -4.12 -11.81
C VAL A 422 19.92 -5.38 -12.70
N CYS A 423 21.04 -5.79 -13.29
CA CYS A 423 21.28 -7.02 -14.05
C CYS A 423 22.15 -8.04 -13.31
N ALA A 424 22.02 -9.26 -13.67
CA ALA A 424 22.68 -10.40 -13.05
C ALA A 424 23.27 -11.28 -14.12
N ASN A 425 24.35 -11.95 -13.72
CA ASN A 425 25.10 -12.84 -14.59
C ASN A 425 25.54 -12.16 -15.90
N LYS A 426 26.15 -12.90 -16.82
CA LYS A 426 26.77 -12.41 -18.05
C LYS A 426 25.78 -11.95 -19.13
N GLU A 427 24.70 -12.63 -19.06
CA GLU A 427 23.56 -12.47 -19.88
C GLU A 427 22.93 -11.12 -19.52
N GLU A 428 23.13 -10.60 -18.31
CA GLU A 428 22.57 -9.37 -17.83
C GLU A 428 21.10 -9.49 -17.83
N LYS A 429 20.68 -10.47 -17.12
CA LYS A 429 19.28 -10.65 -16.91
C LYS A 429 18.76 -9.49 -16.08
N VAL A 430 17.64 -8.90 -16.44
CA VAL A 430 17.14 -7.81 -15.62
C VAL A 430 16.46 -8.35 -14.37
N VAL A 431 17.05 -8.25 -13.17
CA VAL A 431 16.36 -8.66 -11.96
C VAL A 431 15.75 -7.53 -11.15
N GLY A 432 15.93 -6.29 -11.55
CA GLY A 432 15.35 -5.24 -10.76
C GLY A 432 15.31 -3.94 -11.56
N ILE A 433 14.16 -3.22 -11.47
CA ILE A 433 13.93 -1.91 -12.04
C ILE A 433 13.40 -1.01 -10.93
N HIS A 434 14.04 0.18 -10.76
CA HIS A 434 13.74 1.15 -9.75
C HIS A 434 13.73 2.54 -10.35
N MET A 435 12.69 3.32 -10.13
CA MET A 435 12.67 4.65 -10.69
C MET A 435 11.78 5.55 -9.90
N GLN A 436 12.02 6.82 -10.08
CA GLN A 436 11.17 7.77 -9.49
C GLN A 436 11.03 8.93 -10.47
N GLY A 437 9.86 9.46 -10.72
CA GLY A 437 9.75 10.56 -11.69
C GLY A 437 8.34 10.71 -12.25
N LEU A 438 8.13 11.84 -12.93
CA LEU A 438 6.87 12.11 -13.56
C LEU A 438 6.52 11.00 -14.54
N GLY A 439 5.36 10.39 -14.39
CA GLY A 439 4.94 9.40 -15.33
C GLY A 439 5.24 8.00 -14.84
N CYS A 440 6.11 7.87 -13.85
CA CYS A 440 6.50 6.56 -13.41
C CYS A 440 5.40 5.67 -12.89
N ASP A 441 4.18 6.17 -12.58
CA ASP A 441 3.05 5.31 -12.11
C ASP A 441 2.44 4.42 -13.24
N GLU A 442 2.44 5.02 -14.45
CA GLU A 442 1.88 4.35 -15.61
C GLU A 442 2.96 3.65 -16.44
N MET A 443 4.22 3.87 -16.15
CA MET A 443 5.29 3.33 -16.97
C MET A 443 5.65 1.93 -16.53
N LEU A 444 5.43 1.65 -15.28
CA LEU A 444 5.79 0.43 -14.69
C LEU A 444 5.20 -0.85 -15.24
N GLN A 445 3.89 -0.92 -15.39
CA GLN A 445 3.25 -2.15 -15.76
C GLN A 445 3.97 -3.04 -16.83
N GLY A 446 4.27 -2.54 -18.02
CA GLY A 446 4.84 -3.37 -19.03
C GLY A 446 6.27 -3.72 -18.71
N PHE A 447 7.09 -2.84 -18.15
CA PHE A 447 8.40 -3.36 -17.83
C PHE A 447 8.27 -4.54 -16.81
N ALA A 448 7.20 -4.53 -16.03
CA ALA A 448 7.02 -5.53 -15.02
C ALA A 448 6.67 -6.80 -15.72
N VAL A 449 6.04 -6.75 -16.91
CA VAL A 449 5.73 -7.92 -17.73
C VAL A 449 7.06 -8.49 -18.25
N ALA A 450 7.91 -7.61 -18.81
CA ALA A 450 9.19 -7.94 -19.32
C ALA A 450 10.04 -8.58 -18.26
N VAL A 451 9.94 -8.07 -17.04
CA VAL A 451 10.80 -8.59 -16.02
C VAL A 451 10.33 -9.98 -15.64
N LYS A 452 8.99 -10.18 -15.59
CA LYS A 452 8.41 -11.49 -15.31
C LYS A 452 8.85 -12.52 -16.37
N MET A 453 8.96 -12.16 -17.66
CA MET A 453 9.33 -13.08 -18.71
C MET A 453 10.78 -13.45 -18.74
N GLY A 454 11.59 -12.77 -17.97
CA GLY A 454 12.98 -13.06 -17.90
C GLY A 454 13.76 -12.26 -18.91
N ALA A 455 13.40 -11.02 -19.16
CA ALA A 455 14.13 -10.44 -20.18
C ALA A 455 15.54 -10.08 -19.72
N THR A 456 16.49 -10.04 -20.66
CA THR A 456 17.78 -9.43 -20.42
C THR A 456 17.90 -8.00 -20.92
N LYS A 457 19.07 -7.40 -20.72
CA LYS A 457 19.26 -6.03 -21.10
C LYS A 457 19.25 -5.91 -22.62
N ALA A 458 19.63 -7.00 -23.34
CA ALA A 458 19.59 -6.94 -24.82
C ALA A 458 18.16 -6.82 -25.32
N ASP A 459 17.28 -7.42 -24.57
CA ASP A 459 15.91 -7.34 -24.92
C ASP A 459 15.43 -5.87 -24.82
N PHE A 460 15.76 -5.22 -23.69
CA PHE A 460 15.42 -3.85 -23.56
C PHE A 460 16.10 -3.05 -24.64
N ASP A 461 17.37 -3.29 -24.85
CA ASP A 461 18.12 -2.50 -25.78
C ASP A 461 17.66 -2.60 -27.24
N ASN A 462 17.07 -3.76 -27.55
CA ASN A 462 16.59 -4.03 -28.91
C ASN A 462 15.19 -3.59 -29.19
N THR A 463 14.58 -2.89 -28.22
CA THR A 463 13.32 -2.28 -28.35
C THR A 463 13.44 -0.81 -28.78
N VAL A 464 12.83 -0.44 -29.88
CA VAL A 464 12.94 0.88 -30.39
C VAL A 464 12.23 1.78 -29.40
N ALA A 465 12.93 2.92 -29.11
CA ALA A 465 12.50 3.93 -28.17
C ALA A 465 11.34 4.72 -28.73
N ILE A 466 10.58 5.26 -27.79
CA ILE A 466 9.43 6.12 -28.02
C ILE A 466 9.90 7.51 -27.63
N HIS A 467 9.89 8.45 -28.58
CA HIS A 467 10.41 9.77 -28.38
C HIS A 467 9.38 10.89 -28.64
N PRO A 468 9.32 11.94 -27.81
CA PRO A 468 10.07 12.15 -26.55
C PRO A 468 9.23 11.71 -25.36
N THR A 469 9.77 10.85 -24.55
CA THR A 469 9.13 10.39 -23.34
C THR A 469 10.21 10.26 -22.31
N SER A 470 9.80 9.90 -21.11
CA SER A 470 10.65 9.56 -19.99
C SER A 470 11.00 8.09 -20.10
N SER A 471 10.05 7.29 -20.51
CA SER A 471 10.13 5.84 -20.58
C SER A 471 11.19 5.35 -21.58
N GLU A 472 11.50 6.11 -22.61
CA GLU A 472 12.55 5.75 -23.55
C GLU A 472 13.94 5.68 -22.87
N GLU A 473 14.19 6.31 -21.71
CA GLU A 473 15.44 6.24 -21.00
C GLU A 473 15.74 4.84 -20.51
N LEU A 474 14.73 4.05 -20.19
CA LEU A 474 14.95 2.71 -19.68
C LEU A 474 15.42 1.83 -20.80
N VAL A 475 15.15 2.18 -22.05
CA VAL A 475 15.56 1.32 -23.15
C VAL A 475 16.87 1.82 -23.79
N THR A 476 17.51 2.91 -23.32
CA THR A 476 18.70 3.46 -23.91
C THR A 476 19.78 3.67 -22.84
N LEU A 477 19.79 2.80 -21.83
CA LEU A 477 20.76 2.86 -20.74
C LEU A 477 22.08 2.29 -21.26
N ARG A 478 23.15 2.95 -20.88
CA ARG A 478 24.48 2.52 -21.22
C ARG A 478 25.46 2.71 -20.07
P PO4 B . 12.27 2.67 9.43
O1 PO4 B . 12.93 1.55 10.19
O2 PO4 B . 12.43 4.00 10.09
O3 PO4 B . 12.83 2.72 8.05
O4 PO4 B . 10.80 2.35 9.37
PA FAD C . -9.36 -6.08 3.14
O1A FAD C . -8.99 -5.32 4.37
O2A FAD C . -9.41 -5.39 1.86
O5B FAD C . -10.76 -6.69 3.44
C5B FAD C . -10.97 -7.47 4.64
C4B FAD C . -12.47 -7.37 4.93
O4B FAD C . -12.83 -8.33 6.00
C3B FAD C . -13.04 -6.02 5.37
O3B FAD C . -13.98 -5.51 4.50
C2B FAD C . -13.46 -6.29 6.82
O2B FAD C . -14.55 -5.50 7.09
C1B FAD C . -13.95 -7.69 6.72
N9A FAD C . -13.87 -8.49 7.97
C8A FAD C . -12.77 -8.60 8.80
N7A FAD C . -12.95 -9.47 9.78
C5A FAD C . -14.18 -10.02 9.56
C6A FAD C . -14.94 -11.07 10.30
N6A FAD C . -14.53 -11.68 11.37
N1A FAD C . -16.16 -11.32 9.80
C2A FAD C . -16.62 -10.66 8.67
N3A FAD C . -16.01 -9.72 7.93
C4A FAD C . -14.79 -9.43 8.42
N1 FAD C . -2.77 -1.39 -2.05
C2 FAD C . -2.51 -1.22 -3.41
O2 FAD C . -2.26 -2.13 -4.11
N3 FAD C . -2.49 0.06 -3.98
C4 FAD C . -2.68 1.18 -3.23
O4 FAD C . -2.70 2.27 -3.71
C4X FAD C . -2.98 1.00 -1.81
N5 FAD C . -3.11 2.08 -1.11
C5X FAD C . -3.40 1.91 0.21
C6 FAD C . -3.63 3.06 0.99
C7 FAD C . -3.92 2.91 2.30
C7M FAD C . -4.15 4.11 3.20
C8 FAD C . -4.06 1.58 2.86
C8M FAD C . -4.40 1.35 4.30
C9 FAD C . -3.81 0.46 2.09
C9A FAD C . -3.45 0.64 0.76
N10 FAD C . -3.20 -0.47 -0.04
C10 FAD C . -2.94 -0.32 -1.32
C1' FAD C . -3.24 -1.81 0.50
C2' FAD C . -4.54 -2.58 0.25
O2' FAD C . -5.65 -1.75 0.66
C3' FAD C . -4.59 -3.96 1.01
O3' FAD C . -3.48 -4.78 0.60
C4' FAD C . -5.84 -4.79 0.65
O4' FAD C . -7.04 -4.09 0.97
C5' FAD C . -5.84 -6.17 1.34
O5' FAD C . -7.05 -6.92 1.00
P FAD C . -7.61 -8.13 1.84
O1P FAD C . -8.39 -8.81 0.82
O2P FAD C . -6.60 -8.91 2.62
O3P FAD C . -8.52 -7.41 2.99
C1 RGS D . -8.69 -6.75 -12.26
O1A RGS D . -9.34 -7.48 -13.09
O1B RGS D . -7.86 -7.36 -11.34
C2 RGS D . -8.65 -5.06 -12.33
N2 RGS D . -8.90 -4.28 -13.70
C3 RGS D . -9.43 -4.24 -11.18
C4 RGS D . -9.40 -2.76 -11.55
N4 RGS D . -10.23 -2.08 -11.03
C RGS D . -11.55 -1.87 -11.50
O RGS D . -12.13 -2.55 -12.41
CA RGS D . -12.60 -0.75 -10.94
N RGS D . -12.09 -0.48 -9.74
C5 RGS D . -12.06 -0.07 -8.66
O5 RGS D . -12.35 0.79 -8.15
C6 RGS D . -11.46 -1.25 -8.08
C7 RGS D . -10.43 -1.44 -7.00
O7A RGS D . -9.67 -2.51 -7.23
O7B RGS D . -10.50 -0.65 -5.91
CB RGS D . -13.76 -1.65 -10.36
SG RGS D . -15.09 -1.66 -11.57
SG' RGS D . -15.70 0.11 -11.26
CB' RGS D . -15.61 1.01 -12.78
CA' RGS D . -14.66 0.13 -13.69
N' RGS D . -15.33 -0.11 -15.01
C5' RGS D . -14.61 -0.93 -15.94
O5' RGS D . -13.44 -1.59 -15.79
C6' RGS D . -15.44 -1.08 -17.30
C7' RGS D . -16.28 -2.49 -17.05
O11 RGS D . -17.61 -2.37 -16.68
O12 RGS D . -15.54 -3.78 -17.14
C' RGS D . -13.25 0.87 -14.02
O' RGS D . -13.24 2.09 -14.54
N4' RGS D . -12.15 0.11 -13.59
C4' RGS D . -10.93 0.32 -13.64
C3' RGS D . -10.36 1.75 -13.66
C2' RGS D . -8.74 1.78 -13.66
N2' RGS D . -8.01 0.54 -13.17
C1' RGS D . -8.31 3.05 -12.94
O13 RGS D . -8.75 4.15 -13.58
O14 RGS D . -7.66 2.99 -11.82
#